data_7G9O
#
_entry.id   7G9O
#
_cell.length_a   53.853
_cell.length_b   69.447
_cell.length_c   57.250
_cell.angle_alpha   90.000
_cell.angle_beta   92.830
_cell.angle_gamma   90.000
#
_symmetry.space_group_name_H-M   'P 1 21 1'
#
loop_
_entity.id
_entity.type
_entity.pdbx_description
1 polymer 'Serine protease NS3'
2 non-polymer 1,2-ETHANEDIOL
3 non-polymer 'PHOSPHATE ION'
4 non-polymer (4S)-2-METHYL-2,4-PENTANEDIOL
5 non-polymer N-[(4R)-3,4-dihydro-2H-1-benzopyran-4-yl]methanesulfonamide
6 water water
#
_entity_poly.entity_id   1
_entity_poly.type   'polypeptide(L)'
_entity_poly.pdbx_seq_one_letter_code
;MLKKKQLTVLDLHPGAGKTRRVLPEIVREAIKKRLRTVILAPTRVVAAEMEEALRGLPVRYMTTAVNVTHSGTEIVDLMC
HATFTSRLLQPIRVPNYNLNIMDEAHFTDPSSIAARGYISTRVEMGEAAAIFMTATPPGTRDAFPDSNSPIMDTEVEVPE
RAWSSGFDWVTDHSGKTVWFVPSVRNGNEIAACLTKAGKRVIQLSRKTFETEFQKTKNQEWDFVITTDISEMGANFKADR
VIDSRRCLKPVILDGERVILAGPMPVTHASAAQRRGRIGRNPNKPGDEYMYGGGCAETDEGHAHWLEARMLLDNIYLQDG
LIASLYRPEADKVAAIEGEFKLRTEQRKTFVELMKRGDLPVWLAYQVASAGITYTDRRWCFDGTTNNTIMEDSVPAEVWT
KYGEKRVLKPRWMDARVCSDHAALKSFKEFAAGKR
;
_entity_poly.pdbx_strand_id   A
#
loop_
_chem_comp.id
_chem_comp.type
_chem_comp.name
_chem_comp.formula
EDO non-polymer 1,2-ETHANEDIOL 'C2 H6 O2'
MPD non-polymer (4S)-2-METHYL-2,4-PENTANEDIOL 'C6 H14 O2'
PO4 non-polymer 'PHOSPHATE ION' 'O4 P -3'
Z3H non-polymer N-[(4R)-3,4-dihydro-2H-1-benzopyran-4-yl]methanesulfonamide 'C10 H13 N O3 S'
#
# COMPACT_ATOMS: atom_id res chain seq x y z
N MET A 1 2.70 -26.35 9.12
CA MET A 1 2.17 -25.07 8.65
C MET A 1 0.69 -25.16 8.28
N LEU A 2 0.34 -26.16 7.45
CA LEU A 2 -1.02 -26.33 6.90
C LEU A 2 -2.06 -26.82 7.91
N LYS A 3 -1.61 -27.39 9.04
CA LYS A 3 -2.48 -27.83 10.13
C LYS A 3 -3.29 -26.66 10.66
N LYS A 4 -4.60 -26.85 10.86
CA LYS A 4 -5.54 -25.82 11.33
C LYS A 4 -5.09 -25.14 12.66
N LYS A 5 -5.84 -24.12 13.11
CA LYS A 5 -5.62 -23.34 14.33
C LYS A 5 -4.24 -22.70 14.43
N GLN A 6 -3.46 -22.64 13.34
CA GLN A 6 -2.12 -22.10 13.41
C GLN A 6 -1.82 -20.94 12.44
N LEU A 7 -1.15 -19.91 12.95
CA LEU A 7 -0.70 -18.79 12.16
C LEU A 7 0.83 -18.85 12.18
N THR A 8 1.45 -19.06 11.02
CA THR A 8 2.89 -19.10 10.91
C THR A 8 3.38 -17.82 10.26
N VAL A 9 4.49 -17.28 10.77
CA VAL A 9 5.12 -16.11 10.19
C VAL A 9 6.39 -16.58 9.47
N LEU A 10 6.40 -16.55 8.15
CA LEU A 10 7.54 -16.95 7.35
C LEU A 10 8.40 -15.69 7.21
N ASP A 11 9.46 -15.61 8.03
CA ASP A 11 10.28 -14.41 8.11
C ASP A 11 11.69 -14.55 7.51
N LEU A 12 11.80 -15.19 6.36
CA LEU A 12 13.06 -15.28 5.64
C LEU A 12 13.47 -13.86 5.12
N HIS A 13 14.79 -13.59 5.09
CA HIS A 13 15.34 -12.29 4.66
C HIS A 13 14.98 -11.93 3.22
N PRO A 14 15.02 -10.62 2.83
CA PRO A 14 14.70 -10.26 1.44
C PRO A 14 15.60 -10.99 0.43
N GLY A 15 14.95 -11.61 -0.55
CA GLY A 15 15.65 -12.38 -1.58
C GLY A 15 15.85 -13.84 -1.25
N ALA A 16 15.31 -14.33 -0.11
CA ALA A 16 15.49 -15.74 0.25
C ALA A 16 14.68 -16.72 -0.60
N GLY A 17 13.72 -16.23 -1.39
CA GLY A 17 12.93 -17.10 -2.24
C GLY A 17 11.56 -17.47 -1.71
N LYS A 18 10.97 -16.61 -0.85
CA LYS A 18 9.63 -16.88 -0.31
C LYS A 18 8.58 -16.99 -1.41
N THR A 19 8.65 -16.14 -2.45
CA THR A 19 7.65 -16.15 -3.52
C THR A 19 7.91 -17.18 -4.62
N ARG A 20 9.18 -17.37 -5.06
CA ARG A 20 9.48 -18.32 -6.14
C ARG A 20 9.78 -19.76 -5.73
N ARG A 21 10.22 -19.97 -4.49
CA ARG A 21 10.55 -21.32 -4.01
C ARG A 21 9.59 -21.83 -2.93
N VAL A 22 9.39 -21.05 -1.85
CA VAL A 22 8.55 -21.52 -0.75
C VAL A 22 7.06 -21.55 -1.13
N LEU A 23 6.52 -20.47 -1.74
CA LEU A 23 5.11 -20.38 -2.13
C LEU A 23 4.59 -21.56 -3.03
N PRO A 24 5.30 -22.00 -4.10
CA PRO A 24 4.80 -23.16 -4.87
C PRO A 24 4.75 -24.43 -4.04
N GLU A 25 5.73 -24.63 -3.14
CA GLU A 25 5.74 -25.80 -2.25
C GLU A 25 4.48 -25.83 -1.36
N ILE A 26 4.14 -24.69 -0.76
CA ILE A 26 2.93 -24.60 0.06
C ILE A 26 1.67 -24.90 -0.78
N VAL A 27 1.60 -24.32 -1.99
CA VAL A 27 0.48 -24.53 -2.90
C VAL A 27 0.30 -26.01 -3.26
N ARG A 28 1.38 -26.70 -3.63
CA ARG A 28 1.34 -28.13 -3.95
C ARG A 28 0.82 -28.95 -2.76
N GLU A 29 1.28 -28.64 -1.54
CA GLU A 29 0.83 -29.37 -0.35
C GLU A 29 -0.64 -29.07 -0.04
N ALA A 30 -1.09 -27.83 -0.27
CA ALA A 30 -2.48 -27.45 0.00
C ALA A 30 -3.47 -28.14 -0.94
N ILE A 31 -3.09 -28.22 -2.22
CA ILE A 31 -3.87 -28.89 -3.25
C ILE A 31 -3.93 -30.40 -2.90
N LYS A 32 -2.78 -31.02 -2.53
CA LYS A 32 -2.71 -32.43 -2.12
C LYS A 32 -3.64 -32.71 -0.92
N LYS A 33 -3.71 -31.78 0.04
CA LYS A 33 -4.55 -31.93 1.23
C LYS A 33 -5.98 -31.41 1.09
N ARG A 34 -6.37 -30.96 -0.12
CA ARG A 34 -7.69 -30.41 -0.44
C ARG A 34 -8.15 -29.26 0.47
N LEU A 35 -7.26 -28.33 0.69
CA LEU A 35 -7.54 -27.17 1.51
C LEU A 35 -7.90 -26.06 0.54
N ARG A 36 -9.06 -25.44 0.74
CA ARG A 36 -9.49 -24.29 -0.03
C ARG A 36 -8.54 -23.15 0.39
N THR A 37 -7.75 -22.65 -0.57
CA THR A 37 -6.67 -21.74 -0.27
C THR A 37 -6.77 -20.41 -0.96
N VAL A 38 -6.40 -19.34 -0.24
CA VAL A 38 -6.35 -18.01 -0.81
C VAL A 38 -4.91 -17.53 -0.71
N ILE A 39 -4.44 -16.93 -1.81
CA ILE A 39 -3.12 -16.33 -1.93
C ILE A 39 -3.39 -14.84 -2.13
N LEU A 40 -2.84 -14.02 -1.23
CA LEU A 40 -3.04 -12.60 -1.26
C LEU A 40 -1.78 -11.83 -1.70
N ALA A 41 -1.84 -11.22 -2.90
CA ALA A 41 -0.76 -10.41 -3.49
C ALA A 41 -0.95 -8.94 -3.06
N PRO A 42 0.12 -8.20 -2.74
CA PRO A 42 -0.08 -6.78 -2.35
C PRO A 42 -0.52 -5.90 -3.52
N THR A 43 0.02 -6.16 -4.73
CA THR A 43 -0.24 -5.38 -5.95
C THR A 43 -0.45 -6.32 -7.16
N ARG A 44 -0.89 -5.76 -8.30
CA ARG A 44 -1.09 -6.53 -9.52
CA ARG A 44 -1.10 -6.54 -9.51
C ARG A 44 0.22 -6.97 -10.17
N VAL A 45 1.34 -6.27 -9.85
CA VAL A 45 2.65 -6.60 -10.39
C VAL A 45 3.15 -7.89 -9.71
N VAL A 46 2.94 -8.00 -8.39
CA VAL A 46 3.32 -9.20 -7.66
C VAL A 46 2.44 -10.37 -8.13
N ALA A 47 1.13 -10.13 -8.41
CA ALA A 47 0.23 -11.17 -8.93
C ALA A 47 0.78 -11.80 -10.24
N ALA A 48 1.31 -10.95 -11.14
CA ALA A 48 1.93 -11.38 -12.40
C ALA A 48 3.20 -12.17 -12.14
N GLU A 49 3.97 -11.84 -11.08
CA GLU A 49 5.19 -12.59 -10.75
C GLU A 49 4.87 -13.92 -10.07
N MET A 50 3.80 -13.95 -9.27
CA MET A 50 3.32 -15.15 -8.62
C MET A 50 2.81 -16.12 -9.69
N GLU A 51 2.17 -15.62 -10.79
CA GLU A 51 1.72 -16.52 -11.86
C GLU A 51 2.91 -17.22 -12.52
N GLU A 52 4.05 -16.50 -12.70
CA GLU A 52 5.27 -17.08 -13.28
C GLU A 52 5.82 -18.17 -12.36
N ALA A 53 5.84 -17.93 -11.05
CA ALA A 53 6.35 -18.89 -10.08
C ALA A 53 5.41 -20.07 -9.87
N LEU A 54 4.12 -19.90 -10.12
CA LEU A 54 3.13 -20.97 -9.93
C LEU A 54 2.64 -21.59 -11.24
N ARG A 55 3.27 -21.25 -12.39
CA ARG A 55 2.83 -21.71 -13.71
C ARG A 55 2.61 -23.21 -13.81
N GLY A 56 1.42 -23.58 -14.28
CA GLY A 56 1.07 -24.99 -14.44
C GLY A 56 0.10 -25.45 -13.39
N LEU A 57 0.39 -25.10 -12.12
CA LEU A 57 -0.43 -25.41 -10.95
C LEU A 57 -1.84 -24.86 -11.14
N PRO A 58 -2.86 -25.60 -10.68
CA PRO A 58 -4.24 -25.12 -10.83
C PRO A 58 -4.61 -24.00 -9.85
N VAL A 59 -4.41 -22.74 -10.27
CA VAL A 59 -4.77 -21.58 -9.47
C VAL A 59 -5.74 -20.66 -10.25
N ARG A 60 -6.83 -20.23 -9.60
CA ARG A 60 -7.81 -19.30 -10.15
C ARG A 60 -7.35 -17.89 -9.82
N TYR A 61 -6.96 -17.15 -10.85
CA TYR A 61 -6.44 -15.80 -10.73
C TYR A 61 -7.58 -14.80 -10.82
N MET A 62 -7.98 -14.25 -9.67
CA MET A 62 -9.06 -13.28 -9.57
C MET A 62 -8.52 -11.88 -9.70
N THR A 63 -7.88 -11.63 -10.86
CA THR A 63 -7.27 -10.37 -11.26
C THR A 63 -7.11 -10.33 -12.78
N THR A 64 -7.32 -9.13 -13.39
CA THR A 64 -7.09 -9.00 -14.84
C THR A 64 -5.61 -8.76 -15.18
N ALA A 65 -4.70 -8.79 -14.19
CA ALA A 65 -3.26 -8.64 -14.42
C ALA A 65 -2.62 -9.92 -15.04
N VAL A 66 -3.41 -11.01 -15.14
CA VAL A 66 -3.01 -12.31 -15.67
C VAL A 66 -4.08 -12.74 -16.71
N ASN A 67 -3.64 -13.23 -17.88
CA ASN A 67 -4.57 -13.65 -18.92
C ASN A 67 -4.53 -15.16 -19.05
N VAL A 68 -5.28 -15.88 -18.20
CA VAL A 68 -5.27 -17.34 -18.25
C VAL A 68 -6.66 -17.92 -18.43
N THR A 69 -6.75 -19.07 -19.13
CA THR A 69 -8.04 -19.72 -19.32
C THR A 69 -8.21 -20.82 -18.24
N HIS A 70 -9.01 -20.49 -17.19
CA HIS A 70 -9.26 -21.38 -16.06
C HIS A 70 -10.07 -22.64 -16.38
N SER A 71 -9.72 -23.76 -15.73
CA SER A 71 -10.46 -25.01 -15.91
C SER A 71 -11.79 -25.03 -15.11
N GLY A 72 -11.92 -24.18 -14.11
CA GLY A 72 -13.11 -24.10 -13.27
C GLY A 72 -13.10 -25.06 -12.08
N THR A 73 -12.06 -25.90 -11.97
CA THR A 73 -11.93 -26.86 -10.87
C THR A 73 -10.76 -26.52 -9.89
N GLU A 74 -10.24 -25.29 -9.93
CA GLU A 74 -9.18 -24.88 -9.01
C GLU A 74 -9.75 -24.71 -7.59
N ILE A 75 -9.01 -25.19 -6.56
CA ILE A 75 -9.41 -24.94 -5.17
C ILE A 75 -8.48 -23.88 -4.50
N VAL A 76 -7.63 -23.18 -5.28
CA VAL A 76 -6.72 -22.14 -4.81
C VAL A 76 -7.00 -20.87 -5.58
N ASP A 77 -7.39 -19.78 -4.86
CA ASP A 77 -7.65 -18.47 -5.45
C ASP A 77 -6.51 -17.51 -5.17
N LEU A 78 -6.15 -16.69 -6.14
CA LEU A 78 -5.13 -15.68 -5.96
C LEU A 78 -5.80 -14.33 -6.23
N MET A 79 -5.68 -13.41 -5.28
CA MET A 79 -6.23 -12.07 -5.45
C MET A 79 -5.40 -11.04 -4.67
N CYS A 80 -5.58 -9.75 -4.95
CA CYS A 80 -4.88 -8.70 -4.22
C CYS A 80 -5.41 -8.57 -2.80
N HIS A 81 -4.62 -7.99 -1.88
CA HIS A 81 -5.05 -7.77 -0.48
C HIS A 81 -6.35 -6.94 -0.45
N ALA A 82 -6.40 -5.84 -1.24
CA ALA A 82 -7.55 -4.93 -1.32
C ALA A 82 -8.79 -5.60 -1.91
N THR A 83 -8.61 -6.52 -2.90
CA THR A 83 -9.74 -7.26 -3.49
C THR A 83 -10.38 -8.13 -2.42
N PHE A 84 -9.54 -8.81 -1.60
CA PHE A 84 -10.05 -9.68 -0.54
C PHE A 84 -10.96 -8.93 0.44
N THR A 85 -10.46 -7.77 0.96
CA THR A 85 -11.14 -6.86 1.90
C THR A 85 -12.38 -6.27 1.26
N SER A 86 -12.27 -5.86 -0.01
CA SER A 86 -13.37 -5.30 -0.77
C SER A 86 -14.53 -6.31 -0.90
N ARG A 87 -14.22 -7.55 -1.30
CA ARG A 87 -15.23 -8.59 -1.43
C ARG A 87 -15.84 -8.96 -0.08
N LEU A 88 -15.03 -8.88 1.02
CA LEU A 88 -15.54 -9.13 2.38
C LEU A 88 -16.61 -8.07 2.73
N LEU A 89 -16.39 -6.81 2.32
CA LEU A 89 -17.30 -5.69 2.59
C LEU A 89 -18.60 -5.71 1.80
N GLN A 90 -18.53 -6.15 0.52
CA GLN A 90 -19.68 -6.25 -0.38
C GLN A 90 -20.59 -7.46 -0.09
N PRO A 91 -21.90 -7.41 -0.49
CA PRO A 91 -22.82 -8.54 -0.20
C PRO A 91 -22.38 -9.91 -0.72
N ILE A 92 -21.49 -9.93 -1.71
CA ILE A 92 -20.94 -11.15 -2.28
C ILE A 92 -20.36 -12.11 -1.21
N ARG A 93 -20.60 -13.40 -1.39
CA ARG A 93 -20.11 -14.41 -0.49
C ARG A 93 -18.64 -14.73 -0.83
N VAL A 94 -17.83 -14.79 0.21
CA VAL A 94 -16.42 -15.12 0.11
C VAL A 94 -16.30 -16.48 0.79
N PRO A 95 -15.59 -17.46 0.17
CA PRO A 95 -15.47 -18.77 0.83
C PRO A 95 -14.71 -18.64 2.16
N ASN A 96 -14.99 -19.53 3.10
CA ASN A 96 -14.25 -19.57 4.36
C ASN A 96 -12.99 -20.40 4.10
N TYR A 97 -11.97 -19.78 3.46
CA TYR A 97 -10.72 -20.46 3.14
C TYR A 97 -10.07 -21.20 4.33
N ASN A 98 -9.72 -22.49 4.13
CA ASN A 98 -9.06 -23.32 5.15
C ASN A 98 -7.60 -22.86 5.41
N LEU A 99 -6.99 -22.26 4.37
CA LEU A 99 -5.63 -21.76 4.38
C LEU A 99 -5.59 -20.37 3.72
N ASN A 100 -5.01 -19.41 4.45
CA ASN A 100 -4.89 -18.03 4.00
C ASN A 100 -3.40 -17.62 3.93
N ILE A 101 -2.87 -17.42 2.72
CA ILE A 101 -1.46 -17.07 2.57
C ILE A 101 -1.37 -15.62 2.18
N MET A 102 -0.64 -14.80 2.96
CA MET A 102 -0.46 -13.41 2.59
C MET A 102 1.00 -13.13 2.27
N ASP A 103 1.30 -12.77 1.02
CA ASP A 103 2.63 -12.35 0.65
C ASP A 103 2.78 -10.86 0.98
N GLU A 104 4.03 -10.42 1.32
CA GLU A 104 4.35 -9.05 1.78
C GLU A 104 3.41 -8.67 2.90
N ALA A 105 3.32 -9.54 3.91
CA ALA A 105 2.38 -9.33 5.01
C ALA A 105 2.76 -8.17 5.94
N HIS A 106 3.69 -7.31 5.51
CA HIS A 106 4.10 -6.11 6.22
C HIS A 106 3.38 -4.84 5.65
N PHE A 107 2.65 -4.95 4.51
CA PHE A 107 1.99 -3.84 3.82
C PHE A 107 1.08 -3.08 4.81
N THR A 108 1.29 -1.77 4.96
CA THR A 108 0.54 -0.97 5.92
C THR A 108 -0.63 -0.18 5.34
N ASP A 109 -1.13 -0.57 4.15
CA ASP A 109 -2.32 0.07 3.60
C ASP A 109 -3.52 -0.41 4.42
N PRO A 110 -4.55 0.44 4.61
CA PRO A 110 -5.67 0.05 5.49
C PRO A 110 -6.34 -1.28 5.14
N SER A 111 -6.44 -1.61 3.84
CA SER A 111 -7.03 -2.87 3.42
C SER A 111 -6.14 -4.10 3.77
N SER A 112 -4.80 -3.94 3.82
CA SER A 112 -3.90 -5.04 4.18
C SER A 112 -3.96 -5.32 5.69
N ILE A 113 -3.96 -4.25 6.50
CA ILE A 113 -4.08 -4.38 7.95
C ILE A 113 -5.42 -5.07 8.29
N ALA A 114 -6.54 -4.63 7.63
CA ALA A 114 -7.86 -5.22 7.84
C ALA A 114 -7.87 -6.71 7.47
N ALA A 115 -7.30 -7.09 6.31
CA ALA A 115 -7.23 -8.49 5.94
C ALA A 115 -6.47 -9.32 6.99
N ARG A 116 -5.33 -8.81 7.54
CA ARG A 116 -4.58 -9.51 8.58
C ARG A 116 -5.41 -9.68 9.84
N GLY A 117 -6.21 -8.68 10.18
CA GLY A 117 -7.06 -8.74 11.37
C GLY A 117 -8.15 -9.79 11.22
N TYR A 118 -8.81 -9.79 10.06
CA TYR A 118 -9.84 -10.77 9.74
C TYR A 118 -9.29 -12.22 9.78
N ILE A 119 -8.16 -12.47 9.07
CA ILE A 119 -7.52 -13.78 8.98
C ILE A 119 -7.07 -14.27 10.35
N SER A 120 -6.32 -13.43 11.09
CA SER A 120 -5.82 -13.80 12.41
C SER A 120 -6.96 -14.10 13.40
N THR A 121 -8.09 -13.35 13.31
CA THR A 121 -9.24 -13.63 14.18
C THR A 121 -9.80 -15.04 13.85
N ARG A 122 -9.93 -15.36 12.53
CA ARG A 122 -10.41 -16.68 12.11
C ARG A 122 -9.48 -17.78 12.62
N VAL A 123 -8.15 -17.54 12.64
CA VAL A 123 -7.17 -18.49 13.16
C VAL A 123 -7.30 -18.65 14.69
N GLU A 124 -7.42 -17.53 15.43
CA GLU A 124 -7.62 -17.49 16.88
C GLU A 124 -8.91 -18.27 17.23
N MET A 125 -9.96 -18.14 16.41
CA MET A 125 -11.23 -18.86 16.55
C MET A 125 -11.11 -20.38 16.31
N GLY A 126 -10.00 -20.82 15.71
CA GLY A 126 -9.77 -22.21 15.38
C GLY A 126 -10.45 -22.65 14.11
N GLU A 127 -10.76 -21.69 13.22
CA GLU A 127 -11.47 -21.96 11.97
C GLU A 127 -10.57 -22.14 10.76
N ALA A 128 -9.36 -21.62 10.80
CA ALA A 128 -8.49 -21.62 9.64
C ALA A 128 -7.00 -21.59 10.04
N ALA A 129 -6.12 -21.86 9.05
CA ALA A 129 -4.68 -21.76 9.15
C ALA A 129 -4.28 -20.53 8.30
N ALA A 130 -3.13 -19.96 8.63
CA ALA A 130 -2.64 -18.79 7.90
C ALA A 130 -1.16 -18.74 7.88
N ILE A 131 -0.61 -18.23 6.78
CA ILE A 131 0.82 -18.03 6.64
C ILE A 131 1.01 -16.57 6.24
N PHE A 132 1.81 -15.82 7.01
CA PHE A 132 2.12 -14.42 6.70
C PHE A 132 3.57 -14.42 6.26
N MET A 133 3.81 -14.16 5.00
CA MET A 133 5.14 -14.16 4.43
C MET A 133 5.69 -12.75 4.37
N THR A 134 6.78 -12.49 5.12
CA THR A 134 7.48 -11.20 5.13
C THR A 134 8.85 -11.28 5.78
N ALA A 135 9.81 -10.53 5.20
CA ALA A 135 11.11 -10.39 5.81
C ALA A 135 11.00 -9.54 7.07
N THR A 136 10.05 -8.57 7.12
CA THR A 136 9.87 -7.60 8.20
C THR A 136 8.51 -7.69 8.89
N PRO A 137 8.31 -8.70 9.75
CA PRO A 137 7.01 -8.83 10.45
C PRO A 137 6.66 -7.63 11.33
N PRO A 138 5.37 -7.41 11.69
CA PRO A 138 5.04 -6.24 12.52
C PRO A 138 5.77 -6.27 13.86
N GLY A 139 6.65 -5.29 14.07
CA GLY A 139 7.44 -5.23 15.30
C GLY A 139 8.92 -5.48 15.11
N THR A 140 9.43 -5.30 13.89
CA THR A 140 10.83 -5.53 13.62
C THR A 140 11.68 -4.31 13.98
N ARG A 141 12.81 -4.55 14.64
CA ARG A 141 13.75 -3.49 15.01
C ARG A 141 15.03 -3.53 14.18
N ASP A 142 15.12 -4.38 13.15
CA ASP A 142 16.33 -4.49 12.35
C ASP A 142 16.17 -3.95 10.94
N ALA A 143 16.83 -2.83 10.67
CA ALA A 143 16.82 -2.18 9.37
C ALA A 143 17.92 -2.72 8.44
N PHE A 144 18.85 -3.54 8.96
CA PHE A 144 19.94 -4.13 8.17
C PHE A 144 19.91 -5.68 8.23
N PRO A 145 18.86 -6.33 7.71
CA PRO A 145 18.81 -7.79 7.75
C PRO A 145 19.77 -8.47 6.75
N ASP A 146 19.74 -9.81 6.72
CA ASP A 146 20.59 -10.55 5.79
C ASP A 146 20.20 -10.31 4.32
N SER A 147 21.15 -10.53 3.41
CA SER A 147 20.92 -10.41 1.98
C SER A 147 21.70 -11.53 1.22
N ASN A 148 21.41 -11.72 -0.07
CA ASN A 148 22.07 -12.73 -0.87
C ASN A 148 23.56 -12.42 -1.08
N SER A 149 23.91 -11.13 -1.17
CA SER A 149 25.31 -10.70 -1.26
C SER A 149 25.56 -9.48 -0.33
N PRO A 150 26.84 -9.25 0.07
CA PRO A 150 27.12 -8.14 0.97
C PRO A 150 26.73 -6.77 0.41
N ILE A 151 26.26 -5.89 1.29
CA ILE A 151 25.83 -4.54 0.91
C ILE A 151 26.73 -3.51 1.60
N MET A 152 27.15 -2.43 0.89
CA MET A 152 27.92 -1.35 1.51
C MET A 152 26.88 -0.39 2.10
N ASP A 153 26.74 -0.31 3.42
CA ASP A 153 25.77 0.60 4.04
C ASP A 153 26.47 1.92 4.38
N THR A 154 25.91 3.07 3.95
CA THR A 154 26.55 4.36 4.20
C THR A 154 25.58 5.45 4.64
N GLU A 155 25.76 5.96 5.86
CA GLU A 155 24.93 7.05 6.34
C GLU A 155 25.43 8.31 5.67
N VAL A 156 24.57 8.98 4.90
CA VAL A 156 24.96 10.19 4.18
C VAL A 156 23.78 11.20 4.09
N GLU A 157 24.07 12.51 3.90
CA GLU A 157 23.04 13.51 3.67
C GLU A 157 22.52 13.29 2.23
N VAL A 158 21.22 12.99 2.12
CA VAL A 158 20.55 12.72 0.85
C VAL A 158 19.75 13.94 0.51
N PRO A 159 19.97 14.51 -0.68
CA PRO A 159 19.16 15.68 -1.07
C PRO A 159 17.67 15.34 -1.21
N GLU A 160 16.83 16.25 -0.72
CA GLU A 160 15.37 16.16 -0.82
C GLU A 160 14.79 17.30 -1.68
N ARG A 161 15.65 17.99 -2.46
CA ARG A 161 15.28 19.12 -3.32
C ARG A 161 16.29 19.16 -4.46
N ALA A 162 16.05 19.96 -5.52
CA ALA A 162 17.04 20.10 -6.59
C ALA A 162 18.33 20.76 -6.02
N TRP A 163 19.48 20.46 -6.59
CA TRP A 163 20.73 21.01 -6.10
C TRP A 163 21.62 21.44 -7.23
N SER A 164 22.48 22.41 -6.96
CA SER A 164 23.46 22.90 -7.92
C SER A 164 24.84 22.30 -7.62
N SER A 165 25.17 22.12 -6.32
CA SER A 165 26.44 21.57 -5.89
C SER A 165 26.33 20.83 -4.54
N GLY A 166 27.37 20.08 -4.16
CA GLY A 166 27.40 19.41 -2.86
C GLY A 166 27.06 17.93 -2.80
N PHE A 167 26.57 17.35 -3.90
CA PHE A 167 26.17 15.94 -3.90
C PHE A 167 26.73 15.17 -5.11
N ASP A 168 27.99 15.47 -5.50
CA ASP A 168 28.69 14.83 -6.63
C ASP A 168 28.48 13.30 -6.71
N TRP A 169 28.51 12.60 -5.54
CA TRP A 169 28.36 11.14 -5.43
C TRP A 169 27.05 10.58 -6.02
N VAL A 170 26.00 11.41 -6.14
CA VAL A 170 24.71 10.98 -6.69
C VAL A 170 24.81 10.82 -8.22
N THR A 171 25.36 11.83 -8.92
CA THR A 171 25.48 11.78 -10.37
C THR A 171 26.76 11.12 -10.86
N ASP A 172 27.80 11.02 -10.02
CA ASP A 172 29.05 10.35 -10.43
C ASP A 172 28.93 8.83 -10.18
N HIS A 173 27.88 8.23 -10.69
CA HIS A 173 27.65 6.81 -10.55
C HIS A 173 27.27 6.28 -11.92
N SER A 174 27.96 5.23 -12.38
CA SER A 174 27.69 4.68 -13.70
C SER A 174 26.72 3.49 -13.72
N GLY A 175 26.11 3.16 -12.59
CA GLY A 175 25.16 2.05 -12.54
C GLY A 175 23.73 2.50 -12.49
N LYS A 176 22.82 1.63 -12.03
CA LYS A 176 21.41 1.98 -11.93
C LYS A 176 21.01 2.19 -10.46
N THR A 177 20.24 3.26 -10.18
CA THR A 177 19.87 3.61 -8.80
C THR A 177 18.37 3.67 -8.59
N VAL A 178 17.89 3.11 -7.48
CA VAL A 178 16.50 3.21 -7.06
C VAL A 178 16.54 4.18 -5.88
N TRP A 179 15.77 5.25 -5.96
CA TRP A 179 15.75 6.30 -4.95
C TRP A 179 14.35 6.45 -4.33
N PHE A 180 14.25 6.24 -3.01
CA PHE A 180 12.99 6.38 -2.28
C PHE A 180 12.87 7.79 -1.75
N VAL A 181 11.79 8.49 -2.17
CA VAL A 181 11.47 9.86 -1.76
C VAL A 181 10.24 9.87 -0.85
N PRO A 182 10.10 10.88 0.02
CA PRO A 182 8.89 10.93 0.89
C PRO A 182 7.54 11.19 0.19
N SER A 183 7.55 11.76 -1.04
CA SER A 183 6.29 12.10 -1.73
C SER A 183 6.45 12.22 -3.25
N VAL A 184 5.31 12.14 -3.98
CA VAL A 184 5.28 12.30 -5.43
C VAL A 184 5.84 13.68 -5.82
N ARG A 185 5.36 14.75 -5.14
CA ARG A 185 5.81 16.13 -5.37
C ARG A 185 7.32 16.24 -5.13
N ASN A 186 7.86 15.60 -4.06
CA ASN A 186 9.31 15.64 -3.81
CA ASN A 186 9.30 15.60 -3.78
C ASN A 186 10.07 14.89 -4.90
N GLY A 187 9.51 13.79 -5.37
CA GLY A 187 10.13 13.03 -6.43
C GLY A 187 10.16 13.78 -7.76
N ASN A 188 9.12 14.62 -8.07
CA ASN A 188 9.04 15.40 -9.32
C ASN A 188 10.22 16.36 -9.39
N GLU A 189 10.49 17.06 -8.27
CA GLU A 189 11.59 18.01 -8.17
C GLU A 189 12.96 17.37 -8.37
N ILE A 190 13.23 16.28 -7.67
CA ILE A 190 14.51 15.56 -7.83
C ILE A 190 14.59 14.98 -9.26
N ALA A 191 13.48 14.45 -9.82
CA ALA A 191 13.48 13.89 -11.18
C ALA A 191 13.80 14.94 -12.22
N ALA A 192 13.21 16.14 -12.08
CA ALA A 192 13.49 17.25 -13.00
C ALA A 192 14.99 17.66 -12.93
N CYS A 193 15.57 17.63 -11.71
CA CYS A 193 16.98 17.95 -11.47
C CYS A 193 17.92 16.94 -12.14
N LEU A 194 17.67 15.62 -11.95
CA LEU A 194 18.45 14.54 -12.54
C LEU A 194 18.32 14.56 -14.07
N THR A 195 17.08 14.78 -14.58
CA THR A 195 16.83 14.89 -16.02
C THR A 195 17.64 16.05 -16.62
N LYS A 196 17.61 17.22 -15.98
CA LYS A 196 18.36 18.39 -16.42
C LYS A 196 19.86 18.09 -16.51
N ALA A 197 20.39 17.18 -15.66
CA ALA A 197 21.80 16.79 -15.65
C ALA A 197 22.15 15.63 -16.64
N GLY A 198 21.17 15.24 -17.47
CA GLY A 198 21.33 14.19 -18.49
C GLY A 198 20.92 12.78 -18.12
N LYS A 199 20.19 12.60 -16.99
CA LYS A 199 19.78 11.25 -16.56
C LYS A 199 18.41 10.82 -17.08
N ARG A 200 18.26 9.50 -17.32
CA ARG A 200 16.99 8.90 -17.73
C ARG A 200 16.28 8.49 -16.46
N VAL A 201 15.15 9.12 -16.18
CA VAL A 201 14.44 8.88 -14.94
C VAL A 201 13.04 8.34 -15.15
N ILE A 202 12.71 7.24 -14.46
CA ILE A 202 11.36 6.71 -14.43
C ILE A 202 10.79 7.05 -13.02
N GLN A 203 9.52 7.51 -12.92
CA GLN A 203 8.93 7.84 -11.62
C GLN A 203 7.77 6.92 -11.30
N LEU A 204 7.74 6.35 -10.08
CA LEU A 204 6.70 5.42 -9.65
C LEU A 204 5.89 5.94 -8.47
N SER A 205 4.60 5.61 -8.41
CA SER A 205 3.72 5.98 -7.32
C SER A 205 2.54 4.98 -7.27
N ARG A 206 1.71 5.03 -6.22
CA ARG A 206 0.57 4.09 -6.12
C ARG A 206 -0.37 4.16 -7.34
N LYS A 207 -0.63 5.37 -7.84
CA LYS A 207 -1.56 5.58 -8.95
C LYS A 207 -1.02 5.21 -10.33
N THR A 208 0.29 5.26 -10.54
CA THR A 208 0.87 4.93 -11.86
C THR A 208 1.75 3.67 -11.84
N PHE A 209 1.72 2.89 -10.75
CA PHE A 209 2.59 1.74 -10.55
C PHE A 209 2.62 0.73 -11.73
N GLU A 210 1.46 0.17 -12.13
CA GLU A 210 1.45 -0.84 -13.19
C GLU A 210 2.03 -0.38 -14.54
N THR A 211 1.73 0.86 -14.96
CA THR A 211 2.23 1.36 -16.24
C THR A 211 3.72 1.69 -16.25
N GLU A 212 4.18 2.48 -15.29
CA GLU A 212 5.57 2.91 -15.24
C GLU A 212 6.55 1.83 -14.83
N PHE A 213 6.10 0.84 -14.03
CA PHE A 213 7.00 -0.26 -13.63
C PHE A 213 7.44 -1.06 -14.86
N GLN A 214 6.53 -1.24 -15.84
CA GLN A 214 6.80 -1.93 -17.09
C GLN A 214 7.98 -1.28 -17.85
N LYS A 215 8.12 0.07 -17.73
CA LYS A 215 9.21 0.84 -18.33
C LYS A 215 10.60 0.48 -17.79
N THR A 216 10.67 -0.04 -16.54
CA THR A 216 11.95 -0.45 -15.95
C THR A 216 12.53 -1.70 -16.60
N LYS A 217 11.72 -2.43 -17.38
CA LYS A 217 12.11 -3.66 -18.09
C LYS A 217 12.18 -3.41 -19.61
N ASN A 218 11.34 -2.52 -20.13
CA ASN A 218 11.21 -2.17 -21.54
C ASN A 218 12.25 -1.12 -22.02
N GLN A 219 12.85 -0.34 -21.10
CA GLN A 219 13.82 0.68 -21.53
C GLN A 219 15.02 0.87 -20.57
N GLU A 220 16.12 1.42 -21.11
CA GLU A 220 17.31 1.69 -20.31
C GLU A 220 17.08 2.97 -19.50
N TRP A 221 17.28 2.87 -18.19
CA TRP A 221 17.12 3.98 -17.27
C TRP A 221 18.36 4.13 -16.38
N ASP A 222 18.54 5.31 -15.78
CA ASP A 222 19.64 5.60 -14.86
C ASP A 222 19.12 5.63 -13.43
N PHE A 223 17.91 6.21 -13.22
CA PHE A 223 17.33 6.36 -11.91
C PHE A 223 15.87 6.02 -11.92
N VAL A 224 15.40 5.46 -10.82
CA VAL A 224 13.99 5.18 -10.59
C VAL A 224 13.61 5.96 -9.30
N ILE A 225 12.74 6.97 -9.41
CA ILE A 225 12.32 7.74 -8.27
C ILE A 225 11.00 7.12 -7.81
N THR A 226 10.94 6.67 -6.55
CA THR A 226 9.73 6.02 -6.07
C THR A 226 9.34 6.41 -4.66
N THR A 227 8.04 6.30 -4.39
CA THR A 227 7.52 6.46 -3.06
C THR A 227 7.63 5.04 -2.38
N ASP A 228 7.16 4.91 -1.13
CA ASP A 228 7.16 3.66 -0.36
C ASP A 228 6.46 2.49 -1.06
N ILE A 229 5.76 2.70 -2.20
CA ILE A 229 5.07 1.60 -2.90
C ILE A 229 6.04 0.50 -3.39
N SER A 230 7.28 0.88 -3.76
CA SER A 230 8.25 -0.13 -4.23
C SER A 230 8.78 -1.05 -3.12
N GLU A 231 8.36 -0.84 -1.85
CA GLU A 231 8.71 -1.72 -0.71
C GLU A 231 7.94 -3.06 -0.74
N MET A 232 6.93 -3.17 -1.63
CA MET A 232 6.04 -4.31 -1.70
C MET A 232 6.37 -5.31 -2.81
N GLY A 233 7.60 -5.82 -2.78
CA GLY A 233 8.02 -6.86 -3.71
C GLY A 233 8.53 -6.42 -5.06
N ALA A 234 8.54 -5.10 -5.33
CA ALA A 234 9.01 -4.55 -6.61
C ALA A 234 10.49 -4.87 -6.78
N ASN A 235 10.86 -5.51 -7.90
CA ASN A 235 12.25 -5.87 -8.10
C ASN A 235 12.86 -5.20 -9.31
N PHE A 236 14.07 -4.68 -9.11
CA PHE A 236 14.82 -3.92 -10.11
C PHE A 236 16.17 -4.55 -10.30
N LYS A 237 16.83 -4.25 -11.43
CA LYS A 237 18.16 -4.76 -11.70
C LYS A 237 19.10 -3.60 -11.44
N ALA A 238 19.22 -3.21 -10.19
CA ALA A 238 20.03 -2.07 -9.80
C ALA A 238 21.22 -2.45 -8.89
N ASP A 239 22.21 -1.56 -8.74
CA ASP A 239 23.37 -1.74 -7.87
C ASP A 239 23.45 -0.70 -6.74
N ARG A 240 22.42 0.17 -6.59
CA ARG A 240 22.44 1.18 -5.55
C ARG A 240 21.05 1.64 -5.15
N VAL A 241 20.82 1.82 -3.86
CA VAL A 241 19.59 2.38 -3.36
C VAL A 241 19.95 3.63 -2.60
N ILE A 242 19.36 4.75 -2.98
CA ILE A 242 19.50 5.99 -2.25
C ILE A 242 18.18 6.08 -1.48
N ASP A 243 18.27 6.19 -0.16
CA ASP A 243 17.07 6.22 0.68
C ASP A 243 17.07 7.47 1.57
N SER A 244 16.12 8.41 1.32
CA SER A 244 16.00 9.58 2.17
C SER A 244 15.63 9.20 3.63
N ARG A 245 15.07 7.98 3.81
CA ARG A 245 14.57 7.43 5.07
C ARG A 245 13.38 8.24 5.60
N ARG A 246 12.65 8.95 4.71
CA ARG A 246 11.53 9.79 5.13
C ARG A 246 10.23 9.43 4.42
N CYS A 247 9.11 9.69 5.08
CA CYS A 247 7.80 9.37 4.52
C CYS A 247 6.77 10.41 5.00
N LEU A 248 5.63 10.50 4.32
CA LEU A 248 4.55 11.35 4.79
C LEU A 248 3.63 10.47 5.63
N LYS A 249 3.13 11.00 6.74
CA LYS A 249 2.25 10.24 7.63
C LYS A 249 0.83 10.89 7.68
N PRO A 250 -0.24 10.20 7.25
CA PRO A 250 -1.58 10.77 7.41
C PRO A 250 -1.95 10.74 8.90
N VAL A 251 -2.42 11.88 9.43
CA VAL A 251 -2.76 12.00 10.84
C VAL A 251 -4.17 12.63 10.97
N ILE A 252 -5.02 12.05 11.82
CA ILE A 252 -6.36 12.59 12.04
C ILE A 252 -6.27 13.59 13.19
N LEU A 253 -6.41 14.90 12.91
CA LEU A 253 -6.37 15.95 13.93
C LEU A 253 -7.70 16.13 14.57
N ASP A 254 -7.77 15.99 15.91
CA ASP A 254 -8.98 16.20 16.69
C ASP A 254 -10.24 15.51 16.14
N GLY A 255 -10.05 14.43 15.37
CA GLY A 255 -11.13 13.67 14.73
C GLY A 255 -11.92 14.43 13.68
N GLU A 256 -11.45 15.64 13.29
CA GLU A 256 -12.15 16.53 12.34
C GLU A 256 -11.53 16.56 10.93
N ARG A 257 -10.23 16.30 10.81
CA ARG A 257 -9.55 16.43 9.51
C ARG A 257 -8.36 15.47 9.39
N VAL A 258 -7.79 15.33 8.19
CA VAL A 258 -6.63 14.48 7.97
C VAL A 258 -5.58 15.33 7.29
N ILE A 259 -4.39 15.39 7.89
CA ILE A 259 -3.28 16.12 7.30
C ILE A 259 -2.18 15.12 6.96
N LEU A 260 -1.31 15.49 6.04
CA LEU A 260 -0.16 14.68 5.69
C LEU A 260 1.03 15.30 6.40
N ALA A 261 1.38 14.74 7.59
CA ALA A 261 2.44 15.21 8.46
C ALA A 261 3.80 14.75 7.99
N GLY A 262 4.82 15.53 8.30
CA GLY A 262 6.20 15.21 7.94
C GLY A 262 6.70 16.02 6.77
N PRO A 263 7.63 15.49 5.93
CA PRO A 263 8.27 14.16 5.99
C PRO A 263 8.87 13.82 7.36
N MET A 264 8.71 12.56 7.77
CA MET A 264 9.21 12.06 9.05
C MET A 264 9.90 10.69 8.89
N PRO A 265 10.65 10.19 9.91
CA PRO A 265 11.35 8.91 9.73
C PRO A 265 10.47 7.71 9.34
N VAL A 266 11.03 6.84 8.49
CA VAL A 266 10.33 5.59 8.16
C VAL A 266 10.50 4.57 9.31
N THR A 267 9.65 3.54 9.35
CA THR A 267 9.82 2.46 10.34
C THR A 267 11.04 1.60 9.94
N HIS A 268 11.54 0.78 10.87
CA HIS A 268 12.66 -0.14 10.59
C HIS A 268 12.26 -1.14 9.49
N ALA A 269 10.95 -1.56 9.47
CA ALA A 269 10.43 -2.48 8.45
C ALA A 269 10.59 -1.86 7.07
N SER A 270 10.20 -0.57 6.92
CA SER A 270 10.28 0.13 5.64
C SER A 270 11.70 0.32 5.18
N ALA A 271 12.60 0.73 6.10
CA ALA A 271 14.02 0.94 5.78
C ALA A 271 14.64 -0.40 5.33
N ALA A 272 14.32 -1.50 6.03
CA ALA A 272 14.82 -2.83 5.66
C ALA A 272 14.29 -3.26 4.30
N GLN A 273 13.02 -2.99 4.00
CA GLN A 273 12.42 -3.32 2.70
C GLN A 273 13.03 -2.49 1.56
N ARG A 274 13.37 -1.21 1.83
CA ARG A 274 13.96 -0.31 0.83
C ARG A 274 15.39 -0.73 0.52
N ARG A 275 16.16 -1.04 1.58
CA ARG A 275 17.51 -1.57 1.46
C ARG A 275 17.49 -2.92 0.72
N GLY A 276 16.47 -3.74 1.03
CA GLY A 276 16.25 -5.07 0.47
C GLY A 276 16.15 -5.14 -1.04
N ARG A 277 15.94 -3.97 -1.73
CA ARG A 277 15.85 -3.93 -3.20
C ARG A 277 17.17 -4.38 -3.85
N ILE A 278 18.32 -4.06 -3.21
CA ILE A 278 19.65 -4.43 -3.69
C ILE A 278 20.29 -5.50 -2.78
N GLY A 279 21.45 -6.04 -3.18
CA GLY A 279 22.12 -7.13 -2.51
C GLY A 279 21.43 -8.46 -2.76
N ARG A 280 20.64 -8.56 -3.83
CA ARG A 280 19.83 -9.75 -4.12
C ARG A 280 20.51 -10.79 -5.01
N ASN A 281 21.57 -10.41 -5.72
CA ASN A 281 22.30 -11.32 -6.60
C ASN A 281 23.55 -11.81 -5.86
N PRO A 282 23.63 -13.10 -5.46
CA PRO A 282 24.83 -13.57 -4.74
C PRO A 282 26.12 -13.49 -5.56
N ASN A 283 26.01 -13.43 -6.90
CA ASN A 283 27.17 -13.34 -7.78
C ASN A 283 27.66 -11.93 -8.02
N LYS A 284 26.91 -10.91 -7.58
CA LYS A 284 27.34 -9.53 -7.75
C LYS A 284 27.33 -8.78 -6.41
N PRO A 285 28.35 -9.03 -5.55
CA PRO A 285 28.41 -8.30 -4.27
C PRO A 285 28.83 -6.85 -4.47
N GLY A 286 28.66 -6.05 -3.44
CA GLY A 286 29.06 -4.65 -3.48
C GLY A 286 27.98 -3.64 -3.80
N ASP A 287 26.69 -4.05 -3.83
CA ASP A 287 25.62 -3.07 -4.05
C ASP A 287 25.61 -2.05 -2.88
N GLU A 288 25.38 -0.78 -3.17
CA GLU A 288 25.45 0.28 -2.18
C GLU A 288 24.07 0.70 -1.65
N TYR A 289 24.01 1.07 -0.36
CA TYR A 289 22.78 1.55 0.27
C TYR A 289 23.10 2.82 1.05
N MET A 290 22.73 3.95 0.49
CA MET A 290 22.99 5.26 1.07
C MET A 290 21.76 5.74 1.76
N TYR A 291 21.79 5.90 3.08
CA TYR A 291 20.62 6.34 3.84
C TYR A 291 20.82 7.71 4.49
N GLY A 292 19.78 8.54 4.44
CA GLY A 292 19.83 9.92 4.91
C GLY A 292 19.13 10.32 6.18
N GLY A 293 18.92 9.37 7.08
CA GLY A 293 18.29 9.63 8.37
C GLY A 293 18.09 8.37 9.17
N GLY A 294 17.57 8.51 10.37
CA GLY A 294 17.28 7.35 11.22
C GLY A 294 15.85 6.84 11.08
N CYS A 295 15.54 5.74 11.77
CA CYS A 295 14.23 5.09 11.82
C CYS A 295 13.56 5.44 13.11
N ALA A 296 12.24 5.44 13.10
CA ALA A 296 11.41 5.64 14.29
C ALA A 296 10.08 4.89 14.08
N GLU A 297 9.35 4.60 15.18
CA GLU A 297 8.10 3.87 15.01
CA GLU A 297 8.07 3.89 15.13
C GLU A 297 6.94 4.85 14.72
N THR A 298 6.95 5.36 13.49
CA THR A 298 5.96 6.32 13.00
C THR A 298 4.63 5.70 12.56
N ASP A 299 4.43 4.39 12.84
CA ASP A 299 3.16 3.76 12.55
C ASP A 299 2.16 3.94 13.71
N GLU A 300 2.61 4.40 14.88
CA GLU A 300 1.71 4.61 16.03
C GLU A 300 1.01 5.93 15.78
N GLY A 301 -0.31 5.92 15.80
CA GLY A 301 -1.10 7.11 15.54
C GLY A 301 -1.27 7.45 14.06
N HIS A 302 -0.82 6.56 13.18
CA HIS A 302 -0.93 6.70 11.73
C HIS A 302 -2.42 6.37 11.37
N ALA A 303 -3.07 7.20 10.52
CA ALA A 303 -4.48 7.00 10.20
C ALA A 303 -4.86 5.62 9.61
N HIS A 304 -3.94 4.93 8.90
CA HIS A 304 -4.24 3.62 8.33
C HIS A 304 -4.75 2.59 9.35
N TRP A 305 -4.25 2.59 10.60
CA TRP A 305 -4.71 1.63 11.60
C TRP A 305 -6.15 1.91 12.09
N LEU A 306 -6.52 3.21 12.15
CA LEU A 306 -7.87 3.68 12.50
C LEU A 306 -8.80 3.31 11.34
N GLU A 307 -8.37 3.57 10.10
CA GLU A 307 -9.08 3.21 8.88
C GLU A 307 -9.30 1.70 8.80
N ALA A 308 -8.31 0.88 9.21
CA ALA A 308 -8.47 -0.59 9.22
C ALA A 308 -9.56 -1.01 10.19
N ARG A 309 -9.64 -0.35 11.33
CA ARG A 309 -10.71 -0.57 12.30
C ARG A 309 -12.06 -0.17 11.73
N MET A 310 -12.12 0.86 10.85
CA MET A 310 -13.39 1.28 10.19
C MET A 310 -13.83 0.19 9.19
N LEU A 311 -12.85 -0.46 8.49
CA LEU A 311 -13.20 -1.52 7.56
C LEU A 311 -13.70 -2.77 8.32
N LEU A 312 -12.95 -3.24 9.34
CA LEU A 312 -13.31 -4.43 10.10
C LEU A 312 -14.60 -4.32 10.88
N ASP A 313 -14.91 -3.12 11.39
CA ASP A 313 -16.16 -2.89 12.09
C ASP A 313 -17.40 -3.08 11.20
N ASN A 314 -17.20 -3.04 9.87
CA ASN A 314 -18.25 -3.20 8.86
C ASN A 314 -18.14 -4.48 8.03
N ILE A 315 -17.38 -5.48 8.51
CA ILE A 315 -17.25 -6.77 7.85
C ILE A 315 -17.91 -7.82 8.76
N TYR A 316 -18.86 -8.58 8.22
CA TYR A 316 -19.52 -9.64 8.97
C TYR A 316 -18.53 -10.77 9.30
N LEU A 317 -18.55 -11.25 10.55
CA LEU A 317 -17.68 -12.35 10.96
C LEU A 317 -18.53 -13.53 11.50
N GLN A 318 -19.34 -13.27 12.54
CA GLN A 318 -20.23 -14.24 13.15
C GLN A 318 -21.17 -13.43 14.05
N ASP A 319 -22.46 -13.37 13.70
CA ASP A 319 -23.49 -12.60 14.43
C ASP A 319 -23.01 -11.15 14.79
N GLY A 320 -22.98 -10.78 16.07
CA GLY A 320 -22.56 -9.44 16.47
C GLY A 320 -21.07 -9.24 16.61
N LEU A 321 -20.28 -10.33 16.53
CA LEU A 321 -18.83 -10.29 16.70
C LEU A 321 -18.09 -9.49 15.62
N ILE A 322 -16.97 -8.90 16.01
CA ILE A 322 -16.14 -8.09 15.14
C ILE A 322 -14.68 -8.52 15.23
N ALA A 323 -14.01 -8.64 14.09
CA ALA A 323 -12.61 -9.03 14.05
C ALA A 323 -11.68 -8.00 14.71
N SER A 324 -10.72 -8.49 15.47
CA SER A 324 -9.70 -7.67 16.08
C SER A 324 -8.54 -7.50 15.10
N LEU A 325 -7.70 -6.46 15.32
CA LEU A 325 -6.48 -6.31 14.51
C LEU A 325 -5.52 -7.43 14.91
N TYR A 326 -4.63 -7.83 14.00
CA TYR A 326 -3.55 -8.80 14.21
C TYR A 326 -2.74 -8.30 15.45
N ARG A 327 -2.63 -9.14 16.50
CA ARG A 327 -2.04 -8.81 17.79
C ARG A 327 -0.74 -7.93 17.72
N PRO A 328 0.34 -8.25 16.98
CA PRO A 328 1.50 -7.35 16.97
C PRO A 328 1.26 -5.93 16.43
N GLU A 329 0.07 -5.62 15.87
CA GLU A 329 -0.19 -4.26 15.40
C GLU A 329 -1.44 -3.61 16.01
N ALA A 330 -2.08 -4.28 16.98
CA ALA A 330 -3.32 -3.83 17.59
C ALA A 330 -3.20 -2.57 18.46
N ASP A 331 -1.98 -2.24 18.90
CA ASP A 331 -1.78 -1.06 19.75
C ASP A 331 -1.40 0.21 18.99
N LYS A 332 -1.36 0.15 17.66
CA LYS A 332 -1.04 1.32 16.84
C LYS A 332 -2.19 2.32 16.77
N VAL A 333 -3.37 1.96 17.29
CA VAL A 333 -4.56 2.80 17.28
C VAL A 333 -5.31 2.67 18.61
N ALA A 334 -5.86 3.78 19.12
CA ALA A 334 -6.62 3.74 20.37
C ALA A 334 -8.11 3.69 20.04
N ALA A 335 -8.51 2.73 19.22
CA ALA A 335 -9.90 2.59 18.79
C ALA A 335 -10.68 1.57 19.60
N ILE A 336 -11.97 1.82 19.75
CA ILE A 336 -12.88 0.93 20.46
C ILE A 336 -13.47 0.00 19.38
N GLU A 337 -13.32 -1.33 19.53
CA GLU A 337 -13.87 -2.25 18.54
C GLU A 337 -15.38 -2.15 18.51
N GLY A 338 -15.92 -1.91 17.31
CA GLY A 338 -17.35 -1.75 17.05
C GLY A 338 -17.84 -0.32 16.93
N GLU A 339 -16.99 0.67 17.30
CA GLU A 339 -17.38 2.09 17.29
C GLU A 339 -17.67 2.66 15.90
N PHE A 340 -17.12 2.05 14.83
CA PHE A 340 -17.39 2.52 13.48
C PHE A 340 -18.42 1.65 12.75
N LYS A 341 -19.17 0.81 13.49
CA LYS A 341 -20.15 -0.06 12.85
C LYS A 341 -21.33 0.72 12.32
N LEU A 342 -21.56 0.66 11.00
CA LEU A 342 -22.66 1.39 10.39
C LEU A 342 -23.89 0.52 10.15
N ARG A 343 -25.08 1.15 10.09
CA ARG A 343 -26.32 0.46 9.74
C ARG A 343 -26.29 0.14 8.22
N THR A 344 -27.09 -0.82 7.79
CA THR A 344 -27.09 -1.33 6.42
C THR A 344 -27.00 -0.26 5.30
N GLU A 345 -27.87 0.76 5.29
CA GLU A 345 -27.84 1.76 4.21
C GLU A 345 -26.57 2.61 4.22
N GLN A 346 -26.17 3.11 5.40
CA GLN A 346 -24.95 3.92 5.49
C GLN A 346 -23.71 3.08 5.14
N ARG A 347 -23.69 1.78 5.48
CA ARG A 347 -22.56 0.90 5.18
C ARG A 347 -22.40 0.73 3.68
N LYS A 348 -23.52 0.57 2.98
CA LYS A 348 -23.61 0.47 1.52
C LYS A 348 -23.06 1.74 0.87
N THR A 349 -23.34 2.93 1.46
CA THR A 349 -22.81 4.23 1.01
C THR A 349 -21.27 4.27 1.24
N PHE A 350 -20.81 3.83 2.44
CA PHE A 350 -19.40 3.77 2.85
C PHE A 350 -18.61 2.96 1.82
N VAL A 351 -19.10 1.76 1.47
CA VAL A 351 -18.47 0.87 0.50
C VAL A 351 -18.38 1.52 -0.88
N GLU A 352 -19.50 2.09 -1.35
CA GLU A 352 -19.51 2.73 -2.67
C GLU A 352 -18.60 3.97 -2.76
N LEU A 353 -18.53 4.81 -1.69
CA LEU A 353 -17.62 5.97 -1.68
C LEU A 353 -16.14 5.56 -1.84
N MET A 354 -15.79 4.35 -1.38
CA MET A 354 -14.43 3.82 -1.52
C MET A 354 -14.25 3.11 -2.87
N LYS A 355 -15.13 2.18 -3.21
CA LYS A 355 -15.02 1.39 -4.45
C LYS A 355 -15.18 2.22 -5.74
N ARG A 356 -16.25 3.03 -5.81
CA ARG A 356 -16.50 3.87 -6.98
C ARG A 356 -15.98 5.31 -6.77
N GLY A 357 -16.24 5.88 -5.60
CA GLY A 357 -15.83 7.25 -5.30
C GLY A 357 -14.34 7.45 -5.22
N ASP A 358 -13.59 6.38 -4.86
CA ASP A 358 -12.14 6.31 -4.70
C ASP A 358 -11.63 7.26 -3.60
N LEU A 359 -12.45 7.47 -2.59
CA LEU A 359 -12.12 8.33 -1.47
C LEU A 359 -11.37 7.57 -0.39
N PRO A 360 -10.50 8.26 0.39
CA PRO A 360 -9.87 7.57 1.52
C PRO A 360 -10.94 7.02 2.48
N VAL A 361 -10.62 5.91 3.18
CA VAL A 361 -11.51 5.28 4.14
C VAL A 361 -12.11 6.30 5.15
N TRP A 362 -11.24 7.09 5.80
CA TRP A 362 -11.66 8.09 6.80
C TRP A 362 -12.64 9.08 6.20
N LEU A 363 -12.38 9.58 4.97
CA LEU A 363 -13.26 10.55 4.31
C LEU A 363 -14.64 9.91 3.97
N ALA A 364 -14.62 8.68 3.41
CA ALA A 364 -15.83 7.91 3.07
C ALA A 364 -16.67 7.65 4.31
N TYR A 365 -16.02 7.37 5.45
CA TYR A 365 -16.72 7.09 6.69
C TYR A 365 -17.40 8.37 7.19
N GLN A 366 -16.71 9.53 7.11
CA GLN A 366 -17.32 10.79 7.56
C GLN A 366 -18.57 11.11 6.75
N VAL A 367 -18.52 10.88 5.44
CA VAL A 367 -19.67 11.16 4.57
C VAL A 367 -20.81 10.14 4.80
N ALA A 368 -20.50 8.85 4.86
CA ALA A 368 -21.53 7.83 5.08
C ALA A 368 -22.20 7.92 6.45
N SER A 369 -21.42 8.14 7.54
CA SER A 369 -21.97 8.25 8.90
C SER A 369 -22.83 9.50 9.09
N ALA A 370 -22.70 10.50 8.23
CA ALA A 370 -23.52 11.71 8.30
C ALA A 370 -24.92 11.50 7.61
N GLY A 371 -25.15 10.33 7.03
CA GLY A 371 -26.40 10.00 6.36
C GLY A 371 -26.52 10.62 4.99
N ILE A 372 -25.40 10.85 4.32
CA ILE A 372 -25.39 11.41 2.98
C ILE A 372 -25.32 10.26 1.99
N THR A 373 -26.20 10.25 0.97
CA THR A 373 -26.24 9.27 -0.12
C THR A 373 -25.03 9.49 -1.05
N TYR A 374 -24.61 8.44 -1.76
CA TYR A 374 -23.41 8.43 -2.59
C TYR A 374 -23.31 9.59 -3.59
N THR A 375 -24.40 9.84 -4.31
CA THR A 375 -24.45 10.85 -5.37
C THR A 375 -24.66 12.28 -4.84
N ASP A 376 -24.97 12.45 -3.53
CA ASP A 376 -25.16 13.77 -2.96
C ASP A 376 -23.79 14.41 -2.69
N ARG A 377 -23.39 15.40 -3.54
CA ARG A 377 -22.07 16.07 -3.44
C ARG A 377 -22.07 17.45 -2.84
N ARG A 378 -23.16 17.88 -2.21
CA ARG A 378 -23.25 19.22 -1.61
C ARG A 378 -22.15 19.47 -0.54
N TRP A 379 -21.78 18.43 0.22
CA TRP A 379 -20.71 18.48 1.22
C TRP A 379 -19.34 18.91 0.65
N CYS A 380 -19.09 18.67 -0.65
CA CYS A 380 -17.81 19.10 -1.25
C CYS A 380 -17.69 20.64 -1.33
N PHE A 381 -18.78 21.37 -1.11
CA PHE A 381 -18.79 22.84 -1.26
C PHE A 381 -19.26 23.60 -0.05
N ASP A 382 -19.74 22.91 1.02
CA ASP A 382 -20.28 23.65 2.15
C ASP A 382 -19.45 23.62 3.44
N GLY A 383 -18.14 23.43 3.33
CA GLY A 383 -17.26 23.47 4.49
C GLY A 383 -16.77 24.89 4.79
N THR A 384 -16.11 25.09 5.94
CA THR A 384 -15.60 26.41 6.30
C THR A 384 -14.47 26.86 5.33
N THR A 385 -14.16 28.17 5.33
CA THR A 385 -13.14 28.77 4.45
C THR A 385 -11.75 28.18 4.65
N ASN A 386 -11.44 27.67 5.85
CA ASN A 386 -10.13 27.06 6.09
C ASN A 386 -9.98 25.69 5.42
N ASN A 387 -11.10 25.10 4.93
CA ASN A 387 -11.08 23.85 4.18
C ASN A 387 -11.02 24.07 2.66
N THR A 388 -10.79 25.32 2.20
CA THR A 388 -10.67 25.64 0.77
C THR A 388 -9.51 24.86 0.17
N ILE A 389 -9.74 24.12 -0.92
CA ILE A 389 -8.64 23.40 -1.55
C ILE A 389 -7.93 24.34 -2.51
N MET A 390 -6.60 24.41 -2.41
CA MET A 390 -5.80 25.30 -3.23
C MET A 390 -5.07 24.59 -4.32
N GLU A 391 -5.09 25.17 -5.52
CA GLU A 391 -4.35 24.65 -6.67
CA GLU A 391 -4.41 24.66 -6.70
C GLU A 391 -3.58 25.81 -7.29
N ASP A 392 -2.25 25.67 -7.37
CA ASP A 392 -1.37 26.70 -7.92
C ASP A 392 -1.51 28.03 -7.14
N SER A 393 -1.49 27.95 -5.78
CA SER A 393 -1.63 29.12 -4.90
C SER A 393 -2.97 29.85 -5.01
N VAL A 394 -3.94 29.27 -5.73
CA VAL A 394 -5.25 29.89 -5.92
C VAL A 394 -6.37 28.85 -5.67
N PRO A 395 -7.57 29.22 -5.16
CA PRO A 395 -8.59 28.19 -4.87
C PRO A 395 -9.04 27.36 -6.08
N ALA A 396 -9.17 26.04 -5.88
CA ALA A 396 -9.58 25.16 -6.96
C ALA A 396 -11.05 25.34 -7.24
N GLU A 397 -11.43 25.38 -8.52
CA GLU A 397 -12.83 25.57 -8.89
C GLU A 397 -13.38 24.42 -9.70
N VAL A 398 -14.69 24.11 -9.56
CA VAL A 398 -15.34 23.06 -10.33
C VAL A 398 -16.75 23.51 -10.76
N TRP A 399 -17.25 22.90 -11.85
CA TRP A 399 -18.63 23.14 -12.23
C TRP A 399 -19.40 22.01 -11.60
N THR A 400 -20.34 22.33 -10.73
CA THR A 400 -21.17 21.35 -10.07
C THR A 400 -22.07 20.61 -11.09
N LYS A 401 -22.68 19.51 -10.66
CA LYS A 401 -23.63 18.78 -11.50
C LYS A 401 -24.83 19.67 -11.88
N TYR A 402 -25.10 20.77 -11.12
CA TYR A 402 -26.14 21.77 -11.38
C TYR A 402 -25.77 22.84 -12.40
N GLY A 403 -24.52 22.87 -12.85
CA GLY A 403 -24.07 23.85 -13.82
C GLY A 403 -23.53 25.12 -13.21
N GLU A 404 -23.43 25.19 -11.87
CA GLU A 404 -22.92 26.35 -11.14
C GLU A 404 -21.38 26.23 -10.94
N LYS A 405 -20.66 27.35 -10.97
CA LYS A 405 -19.21 27.33 -10.77
C LYS A 405 -18.91 27.58 -9.30
N ARG A 406 -18.30 26.61 -8.62
CA ARG A 406 -18.04 26.73 -7.19
C ARG A 406 -16.62 26.40 -6.76
N VAL A 407 -16.19 27.02 -5.64
CA VAL A 407 -14.89 26.76 -5.02
C VAL A 407 -15.01 25.46 -4.22
N LEU A 408 -14.01 24.59 -4.32
CA LEU A 408 -13.92 23.33 -3.60
C LEU A 408 -13.64 23.61 -2.13
N LYS A 409 -14.62 23.36 -1.29
CA LYS A 409 -14.52 23.66 0.14
C LYS A 409 -15.18 22.51 0.89
N PRO A 410 -14.56 21.32 0.91
CA PRO A 410 -15.21 20.17 1.54
C PRO A 410 -15.47 20.32 3.02
N ARG A 411 -16.63 19.83 3.46
CA ARG A 411 -17.04 19.83 4.85
C ARG A 411 -16.00 19.09 5.73
N TRP A 412 -15.43 17.98 5.20
CA TRP A 412 -14.37 17.22 5.86
C TRP A 412 -13.15 17.30 4.96
N MET A 413 -12.06 17.78 5.53
CA MET A 413 -10.85 18.01 4.80
C MET A 413 -9.85 16.84 4.98
N ASP A 414 -9.57 16.12 3.89
CA ASP A 414 -8.60 15.04 3.94
C ASP A 414 -7.50 15.38 2.92
N ALA A 415 -6.31 15.74 3.40
CA ALA A 415 -5.14 16.11 2.59
C ALA A 415 -4.80 15.12 1.47
N ARG A 416 -5.18 13.84 1.62
CA ARG A 416 -4.90 12.85 0.56
C ARG A 416 -5.67 13.11 -0.73
N VAL A 417 -6.80 13.85 -0.67
CA VAL A 417 -7.55 14.11 -1.90
C VAL A 417 -6.92 15.20 -2.78
N CYS A 418 -5.89 15.90 -2.29
CA CYS A 418 -5.22 16.97 -3.04
C CYS A 418 -3.70 16.99 -2.75
N SER A 419 -3.11 15.82 -2.51
CA SER A 419 -1.68 15.69 -2.24
C SER A 419 -0.80 15.85 -3.50
N ASP A 420 -1.40 15.73 -4.69
CA ASP A 420 -0.72 15.91 -5.95
C ASP A 420 -1.73 16.30 -7.04
N HIS A 421 -1.24 16.66 -8.25
CA HIS A 421 -2.11 17.07 -9.34
C HIS A 421 -3.15 15.99 -9.70
N ALA A 422 -2.72 14.72 -9.79
CA ALA A 422 -3.59 13.59 -10.11
C ALA A 422 -4.69 13.37 -9.07
N ALA A 423 -4.37 13.39 -7.76
CA ALA A 423 -5.37 13.18 -6.72
C ALA A 423 -6.42 14.33 -6.79
N LEU A 424 -5.96 15.61 -6.86
CA LEU A 424 -6.85 16.75 -6.95
C LEU A 424 -7.74 16.69 -8.18
N LYS A 425 -7.20 16.28 -9.32
CA LYS A 425 -7.97 16.15 -10.56
C LYS A 425 -9.12 15.15 -10.37
N SER A 426 -8.84 14.00 -9.71
CA SER A 426 -9.85 12.98 -9.43
C SER A 426 -10.90 13.50 -8.42
N PHE A 427 -10.47 14.27 -7.42
CA PHE A 427 -11.40 14.83 -6.43
C PHE A 427 -12.31 15.87 -7.09
N LYS A 428 -11.77 16.67 -8.06
CA LYS A 428 -12.57 17.63 -8.80
C LYS A 428 -13.67 16.93 -9.59
N GLU A 429 -13.34 15.82 -10.27
CA GLU A 429 -14.31 15.02 -11.03
C GLU A 429 -15.39 14.46 -10.11
N PHE A 430 -15.02 13.98 -8.92
CA PHE A 430 -15.96 13.47 -7.95
C PHE A 430 -16.91 14.60 -7.45
N ALA A 431 -16.35 15.75 -7.07
CA ALA A 431 -17.17 16.88 -6.59
C ALA A 431 -18.15 17.40 -7.64
N ALA A 432 -17.79 17.25 -8.93
CA ALA A 432 -18.65 17.66 -10.05
C ALA A 432 -19.73 16.62 -10.41
N GLY A 433 -19.70 15.44 -9.78
CA GLY A 433 -20.63 14.35 -10.08
C GLY A 433 -20.23 13.50 -11.28
N LYS A 434 -18.96 13.53 -11.70
CA LYS A 434 -18.45 12.76 -12.85
C LYS A 434 -18.33 11.25 -12.60
N ARG A 435 -18.46 10.79 -11.35
CA ARG A 435 -18.44 9.35 -11.05
C ARG A 435 -19.16 9.03 -9.74
C1 EDO B . -1.72 -1.30 -4.70
O1 EDO B . -1.99 -0.25 -3.79
C2 EDO B . -1.01 -0.75 -5.92
O2 EDO B . -1.90 0.12 -6.60
P PO4 C . 11.81 -13.12 -1.58
O1 PO4 C . 10.37 -13.18 -2.04
O2 PO4 C . 11.96 -13.93 -0.27
O3 PO4 C . 12.25 -11.66 -1.31
O4 PO4 C . 12.73 -13.71 -2.67
P PO4 D . -0.72 8.74 0.54
O1 PO4 D . -2.03 8.13 0.12
O2 PO4 D . -0.73 10.26 0.25
O3 PO4 D . -0.49 8.53 2.05
O4 PO4 D . 0.45 8.10 -0.24
C1 MPD E . -10.49 -0.19 1.33
C2 MPD E . -10.99 -0.73 0.01
O2 MPD E . -10.65 0.25 -1.00
CM MPD E . -10.24 -2.00 -0.37
C3 MPD E . -12.51 -1.02 0.09
C4 MPD E . -13.47 -0.65 -1.03
O4 MPD E . -12.84 -0.62 -2.32
C5 MPD E . -14.67 -1.55 -1.05
C10 Z3H F . -12.95 -15.45 -10.96
C13 Z3H F . -14.17 -13.27 -9.78
C15 Z3H F . -12.61 -14.16 -11.38
C01 Z3H F . -10.73 -10.87 -12.70
S02 Z3H F . -11.15 -11.85 -14.09
O03 Z3H F . -9.97 -12.47 -14.61
O04 Z3H F . -11.97 -11.06 -14.96
N05 Z3H F . -12.09 -13.08 -13.51
C06 Z3H F . -11.55 -13.94 -12.45
C07 Z3H F . -10.94 -15.24 -12.97
C08 Z3H F . -11.88 -16.43 -12.84
O09 Z3H F . -12.36 -16.57 -11.49
C11 Z3H F . -13.86 -15.64 -9.93
C12 Z3H F . -14.49 -14.55 -9.37
C14 Z3H F . -13.23 -13.08 -10.77
#